data_7PBF
#
_entry.id   7PBF
#
_cell.length_a   35.000
_cell.length_b   80.640
_cell.length_c   81.190
_cell.angle_alpha   90.000
_cell.angle_beta   90.000
_cell.angle_gamma   90.000
#
_symmetry.space_group_name_H-M   'P 21 21 21'
#
loop_
_entity.id
_entity.type
_entity.pdbx_description
1 polymer 'Alginate lyase (PL7)'
2 branched 'beta-D-mannopyranuronic acid-(1-4)-alpha-D-mannopyranuronic acid'
3 water water
#
_entity_poly.entity_id   1
_entity_poly.type   'polypeptide(L)'
_entity_poly.pdbx_seq_one_letter_code
;EFYTAPSTESKFTEVLSKAKLQYPTSTTVAFADDLLDGYAASYFYLTSDLYMQFQVAGSSQRSELREMETSGDEAAWDCT
GSTAHVASAQIAIPVQEDGIEEVTILQVHDSDVTPVLRISWVSSITIDGVTSEDVVLATIRNGIDDSTATKTVLQAHTTS
RTEFNINVQNSKLSITVDGTTELDEADISQFDGSTCYFKAGAYNNNPTDTSANARIKMYELEWVDHHHHHH
;
_entity_poly.pdbx_strand_id   A
#
# COMPACT_ATOMS: atom_id res chain seq x y z
N PHE A 2 1.55 -24.23 -9.01
CA PHE A 2 0.76 -24.74 -7.89
C PHE A 2 0.45 -23.64 -6.87
N TYR A 3 0.14 -22.45 -7.35
CA TYR A 3 -0.35 -21.37 -6.50
C TYR A 3 -1.82 -21.10 -6.82
N THR A 4 -2.62 -20.92 -5.79
CA THR A 4 -4.02 -20.56 -5.97
C THR A 4 -4.17 -19.07 -6.25
N ALA A 5 -5.06 -18.74 -7.20
CA ALA A 5 -5.21 -17.36 -7.63
C ALA A 5 -6.11 -16.58 -6.67
N PRO A 6 -5.73 -15.35 -6.30
CA PRO A 6 -6.68 -14.51 -5.54
C PRO A 6 -8.02 -14.32 -6.23
N SER A 7 -8.06 -14.39 -7.56
CA SER A 7 -9.34 -14.24 -8.25
C SER A 7 -10.35 -15.32 -7.92
N THR A 8 -9.93 -16.41 -7.28
CA THR A 8 -10.91 -17.43 -6.91
C THR A 8 -11.80 -16.99 -5.75
N GLU A 9 -11.50 -15.86 -5.11
CA GLU A 9 -12.30 -15.37 -4.00
C GLU A 9 -13.07 -14.14 -4.46
N SER A 10 -14.40 -14.19 -4.37
CA SER A 10 -15.19 -13.08 -4.90
C SER A 10 -14.91 -11.77 -4.16
N LYS A 11 -14.43 -11.83 -2.92
CA LYS A 11 -14.13 -10.60 -2.19
C LYS A 11 -13.03 -9.80 -2.87
N PHE A 12 -12.26 -10.41 -3.77
CA PHE A 12 -11.21 -9.70 -4.49
C PHE A 12 -11.58 -9.34 -5.93
N THR A 13 -12.72 -9.82 -6.45
CA THR A 13 -13.04 -9.63 -7.86
C THR A 13 -13.02 -8.16 -8.23
N GLU A 14 -13.70 -7.34 -7.44
CA GLU A 14 -13.83 -5.92 -7.78
C GLU A 14 -12.48 -5.21 -7.76
N VAL A 15 -11.69 -5.40 -6.70
CA VAL A 15 -10.43 -4.66 -6.66
C VAL A 15 -9.50 -5.14 -7.76
N LEU A 16 -9.50 -6.44 -8.07
CA LEU A 16 -8.65 -6.92 -9.15
C LEU A 16 -9.10 -6.38 -10.50
N SER A 17 -10.41 -6.19 -10.69
CA SER A 17 -10.93 -5.57 -11.90
C SER A 17 -10.46 -4.13 -12.02
N LYS A 18 -10.12 -3.54 -10.89
CA LYS A 18 -9.70 -2.15 -10.77
C LYS A 18 -8.22 -2.07 -10.38
N ALA A 19 -7.40 -2.95 -10.94
CA ALA A 19 -6.00 -2.97 -10.60
C ALA A 19 -5.19 -3.58 -11.72
N LYS A 20 -3.89 -3.33 -11.65
CA LYS A 20 -2.91 -4.12 -12.39
C LYS A 20 -1.77 -4.41 -11.43
N LEU A 21 -1.13 -5.53 -11.62
CA LEU A 21 -0.07 -6.00 -10.74
C LEU A 21 1.31 -5.70 -11.31
N GLN A 22 2.16 -5.08 -10.51
CA GLN A 22 3.51 -4.71 -10.88
C GLN A 22 4.48 -5.58 -10.10
N TYR A 23 5.46 -6.13 -10.80
CA TYR A 23 6.47 -6.97 -10.16
C TYR A 23 7.61 -7.21 -11.12
N PRO A 24 8.88 -7.17 -10.68
CA PRO A 24 9.35 -6.77 -9.36
C PRO A 24 9.66 -5.29 -9.28
N THR A 25 9.45 -4.54 -10.36
CA THR A 25 9.62 -3.09 -10.33
C THR A 25 8.37 -2.42 -10.88
N SER A 26 8.54 -1.50 -11.83
CA SER A 26 7.40 -0.72 -12.31
C SER A 26 6.63 -1.41 -13.43
N THR A 27 7.19 -2.45 -14.05
CA THR A 27 6.54 -3.06 -15.18
C THR A 27 5.35 -3.90 -14.73
N THR A 28 4.24 -3.75 -15.44
CA THR A 28 3.06 -4.53 -15.15
C THR A 28 3.30 -5.96 -15.63
N VAL A 29 3.06 -6.93 -14.75
CA VAL A 29 3.12 -8.33 -15.15
C VAL A 29 1.72 -8.85 -15.42
N ALA A 30 0.71 -8.26 -14.78
CA ALA A 30 -0.65 -8.74 -14.95
C ALA A 30 -1.62 -7.58 -14.92
N PHE A 31 -2.38 -7.42 -15.99
CA PHE A 31 -3.46 -6.45 -16.02
C PHE A 31 -4.71 -7.04 -15.39
N ALA A 32 -5.77 -6.22 -15.30
CA ALA A 32 -6.99 -6.65 -14.63
C ALA A 32 -7.51 -7.94 -15.25
N ASP A 33 -7.52 -8.04 -16.57
CA ASP A 33 -8.09 -9.24 -17.19
C ASP A 33 -7.24 -10.46 -16.85
N ASP A 34 -5.92 -10.29 -16.78
CA ASP A 34 -5.02 -11.37 -16.38
C ASP A 34 -5.29 -11.81 -14.94
N LEU A 35 -5.43 -10.82 -14.04
CA LEU A 35 -5.69 -11.08 -12.64
C LEU A 35 -7.01 -11.82 -12.46
N LEU A 36 -8.05 -11.37 -13.18
CA LEU A 36 -9.37 -12.01 -13.07
C LEU A 36 -9.35 -13.42 -13.63
N ASP A 37 -8.43 -13.72 -14.56
CA ASP A 37 -8.35 -15.01 -15.22
C ASP A 37 -7.45 -15.99 -14.47
N GLY A 38 -7.18 -15.73 -13.19
CA GLY A 38 -6.48 -16.69 -12.35
C GLY A 38 -4.98 -16.47 -12.24
N TYR A 39 -4.48 -15.26 -12.44
CA TYR A 39 -3.06 -14.98 -12.31
C TYR A 39 -2.60 -15.33 -10.90
N ALA A 40 -1.53 -16.12 -10.82
CA ALA A 40 -0.94 -16.43 -9.52
C ALA A 40 0.53 -16.78 -9.69
N ALA A 41 1.33 -16.45 -8.67
CA ALA A 41 2.75 -16.72 -8.70
C ALA A 41 3.28 -16.69 -7.27
N SER A 42 4.56 -17.04 -7.12
CA SER A 42 5.16 -17.07 -5.78
C SER A 42 5.04 -15.72 -5.08
N TYR A 43 4.99 -14.64 -5.86
CA TYR A 43 4.96 -13.29 -5.30
C TYR A 43 3.55 -12.74 -5.18
N PHE A 44 2.55 -13.49 -5.62
CA PHE A 44 1.16 -13.02 -5.59
C PHE A 44 0.25 -14.26 -5.64
N TYR A 45 -0.27 -14.67 -4.49
CA TYR A 45 -1.17 -15.82 -4.50
C TYR A 45 -2.10 -15.78 -3.29
N LEU A 46 -3.08 -16.68 -3.30
CA LEU A 46 -4.06 -16.80 -2.23
C LEU A 46 -3.66 -17.92 -1.29
N THR A 47 -3.55 -17.59 -0.01
CA THR A 47 -3.22 -18.56 1.02
C THR A 47 -4.43 -19.44 1.31
N SER A 48 -4.18 -20.53 2.03
CA SER A 48 -5.27 -21.46 2.28
C SER A 48 -6.31 -20.88 3.22
N ASP A 49 -5.97 -19.85 3.98
CA ASP A 49 -6.97 -19.18 4.82
C ASP A 49 -7.41 -17.87 4.19
N LEU A 50 -7.24 -17.75 2.86
CA LEU A 50 -7.94 -16.75 2.04
C LEU A 50 -7.37 -15.35 2.18
N TYR A 51 -6.05 -15.24 2.39
CA TYR A 51 -5.34 -13.98 2.26
C TYR A 51 -4.72 -13.87 0.87
N MET A 52 -4.78 -12.68 0.31
CA MET A 52 -3.99 -12.32 -0.85
C MET A 52 -2.61 -11.93 -0.37
N GLN A 53 -1.60 -12.75 -0.66
CA GLN A 53 -0.25 -12.54 -0.14
C GLN A 53 0.69 -12.06 -1.22
N PHE A 54 1.42 -10.99 -0.90
CA PHE A 54 2.49 -10.42 -1.70
C PHE A 54 3.85 -10.75 -1.09
N GLN A 55 4.83 -11.11 -1.93
CA GLN A 55 6.14 -11.51 -1.45
C GLN A 55 7.19 -11.07 -2.49
N VAL A 56 8.28 -10.47 -2.02
CA VAL A 56 9.31 -9.97 -2.93
C VAL A 56 10.60 -9.80 -2.15
N ALA A 57 11.72 -10.06 -2.83
CA ALA A 57 13.05 -9.85 -2.29
C ALA A 57 13.75 -8.78 -3.09
N GLY A 58 14.71 -8.12 -2.47
CA GLY A 58 15.62 -7.23 -3.16
C GLY A 58 15.33 -5.76 -2.85
N SER A 59 16.37 -4.95 -3.04
N SER A 59 16.36 -4.94 -3.02
CA SER A 59 16.28 -3.51 -2.73
CA SER A 59 16.26 -3.53 -2.67
C SER A 59 15.28 -2.82 -3.64
C SER A 59 15.30 -2.81 -3.62
N SER A 60 14.28 -2.18 -3.05
CA SER A 60 13.29 -1.38 -3.78
C SER A 60 12.47 -2.20 -4.74
N GLN A 61 12.42 -3.51 -4.55
CA GLN A 61 11.58 -4.37 -5.38
C GLN A 61 10.20 -4.45 -4.78
N ARG A 62 9.22 -4.75 -5.62
CA ARG A 62 7.84 -4.69 -5.18
C ARG A 62 7.02 -5.78 -5.83
N SER A 63 5.96 -6.16 -5.12
CA SER A 63 4.84 -6.89 -5.67
C SER A 63 3.60 -6.10 -5.27
N GLU A 64 3.00 -5.39 -6.22
CA GLU A 64 2.11 -4.30 -5.85
C GLU A 64 0.97 -4.15 -6.85
N LEU A 65 -0.25 -3.99 -6.33
CA LEU A 65 -1.41 -3.60 -7.14
C LEU A 65 -1.46 -2.08 -7.25
N ARG A 66 -1.79 -1.62 -8.46
CA ARG A 66 -1.87 -0.21 -8.80
C ARG A 66 -3.31 0.04 -9.23
N GLU A 67 -3.95 1.03 -8.62
CA GLU A 67 -5.34 1.35 -8.92
C GLU A 67 -5.59 1.70 -10.38
N MET A 68 -6.63 1.08 -10.94
CA MET A 68 -7.08 1.27 -12.31
C MET A 68 -8.59 1.52 -12.33
N GLU A 69 -9.06 2.10 -13.43
CA GLU A 69 -10.49 2.17 -13.70
C GLU A 69 -10.93 0.90 -14.43
N THR A 70 -12.20 0.52 -14.25
CA THR A 70 -12.74 -0.60 -15.02
C THR A 70 -12.64 -0.37 -16.53
N SER A 71 -12.53 0.88 -16.95
CA SER A 71 -12.39 1.17 -18.38
C SER A 71 -11.05 0.70 -18.92
N GLY A 72 -10.08 0.44 -18.05
CA GLY A 72 -8.71 0.24 -18.45
C GLY A 72 -7.86 1.48 -18.36
N ASP A 73 -8.46 2.66 -18.15
CA ASP A 73 -7.68 3.85 -17.88
C ASP A 73 -6.98 3.70 -16.53
N GLU A 74 -5.78 4.24 -16.43
CA GLU A 74 -5.16 4.35 -15.12
C GLU A 74 -5.96 5.32 -14.25
N ALA A 75 -6.09 4.98 -12.98
CA ALA A 75 -6.61 5.94 -12.02
C ALA A 75 -5.69 7.13 -11.97
N ALA A 76 -6.28 8.32 -12.07
CA ALA A 76 -5.53 9.57 -12.06
C ALA A 76 -6.46 10.66 -11.56
N TRP A 77 -6.84 10.56 -10.29
CA TRP A 77 -7.79 11.50 -9.73
C TRP A 77 -7.07 12.71 -9.15
N ASP A 78 -7.78 13.82 -9.08
CA ASP A 78 -7.21 15.06 -8.55
C ASP A 78 -6.80 14.82 -7.10
N CYS A 79 -5.49 14.89 -6.81
CA CYS A 79 -5.03 14.58 -5.46
C CYS A 79 -5.75 15.40 -4.39
N THR A 80 -6.08 16.64 -4.69
CA THR A 80 -6.64 17.58 -3.72
C THR A 80 -8.07 17.99 -4.06
N GLY A 81 -8.78 17.19 -4.84
CA GLY A 81 -10.09 17.57 -5.30
C GLY A 81 -11.20 17.31 -4.29
N SER A 82 -12.41 17.71 -4.67
CA SER A 82 -13.57 17.66 -3.77
C SER A 82 -14.14 16.26 -3.67
N THR A 83 -13.85 15.41 -4.63
CA THR A 83 -14.31 14.03 -4.58
C THR A 83 -13.47 13.27 -3.58
N ALA A 84 -14.13 12.52 -2.69
CA ALA A 84 -13.40 11.69 -1.75
C ALA A 84 -12.90 10.43 -2.44
N HIS A 85 -11.65 10.06 -2.14
CA HIS A 85 -11.10 8.78 -2.57
C HIS A 85 -10.67 8.01 -1.33
N VAL A 86 -11.10 6.77 -1.24
CA VAL A 86 -10.97 6.01 -0.02
C VAL A 86 -10.41 4.63 -0.38
N ALA A 87 -9.36 4.24 0.32
CA ALA A 87 -8.87 2.88 0.24
C ALA A 87 -9.05 2.21 1.59
N SER A 88 -9.49 0.95 1.58
N SER A 88 -9.52 0.97 1.56
CA SER A 88 -9.74 0.20 2.80
CA SER A 88 -9.71 0.18 2.77
C SER A 88 -9.14 -1.19 2.67
C SER A 88 -8.98 -1.13 2.60
N ALA A 89 -8.35 -1.60 3.67
CA ALA A 89 -7.70 -2.90 3.58
C ALA A 89 -7.64 -3.51 4.95
N GLN A 90 -7.77 -4.84 5.00
CA GLN A 90 -7.52 -5.63 6.21
C GLN A 90 -6.22 -6.36 5.95
N ILE A 91 -5.18 -5.99 6.70
CA ILE A 91 -3.82 -6.42 6.41
C ILE A 91 -3.24 -7.12 7.65
N ALA A 92 -2.67 -8.30 7.42
CA ALA A 92 -1.88 -8.98 8.43
C ALA A 92 -0.42 -8.84 8.01
N ILE A 93 0.36 -8.19 8.86
CA ILE A 93 1.79 -8.01 8.63
C ILE A 93 2.52 -9.07 9.43
N PRO A 94 3.07 -10.11 8.79
CA PRO A 94 3.80 -11.12 9.55
C PRO A 94 5.10 -10.56 10.09
N VAL A 95 5.70 -11.32 10.99
CA VAL A 95 7.06 -11.03 11.40
C VAL A 95 7.95 -11.15 10.19
N GLN A 96 8.68 -10.08 9.87
CA GLN A 96 9.46 -10.05 8.65
C GLN A 96 10.79 -10.79 8.81
N GLU A 97 11.27 -11.35 7.70
CA GLU A 97 12.52 -12.10 7.71
C GLU A 97 13.68 -11.21 8.11
N ASP A 98 14.73 -11.81 8.66
CA ASP A 98 15.90 -11.02 9.03
C ASP A 98 16.44 -10.27 7.82
N GLY A 99 16.82 -9.00 8.02
CA GLY A 99 17.33 -8.17 6.97
C GLY A 99 16.28 -7.38 6.23
N ILE A 100 15.00 -7.62 6.52
CA ILE A 100 13.91 -6.79 6.03
C ILE A 100 13.70 -5.68 7.05
N GLU A 101 13.84 -4.42 6.60
CA GLU A 101 13.86 -3.28 7.51
C GLU A 101 12.68 -2.34 7.33
N GLU A 102 12.05 -2.33 6.17
CA GLU A 102 10.88 -1.49 5.94
C GLU A 102 10.10 -2.05 4.78
N VAL A 103 8.79 -2.20 4.94
CA VAL A 103 7.93 -2.69 3.88
C VAL A 103 6.76 -1.76 3.74
N THR A 104 6.63 -1.16 2.57
CA THR A 104 5.50 -0.29 2.28
C THR A 104 4.33 -1.17 1.84
N ILE A 105 3.15 -0.97 2.46
CA ILE A 105 1.99 -1.82 2.25
C ILE A 105 0.85 -1.09 1.55
N LEU A 106 0.72 0.22 1.73
CA LEU A 106 -0.32 1.01 1.06
C LEU A 106 0.30 2.32 0.65
N GLN A 107 -0.13 2.85 -0.49
CA GLN A 107 0.34 4.15 -0.94
C GLN A 107 -0.76 4.97 -1.58
N VAL A 108 -0.57 6.29 -1.51
CA VAL A 108 -1.14 7.24 -2.44
C VAL A 108 0.05 7.76 -3.22
N HIS A 109 0.04 7.55 -4.53
CA HIS A 109 1.16 7.92 -5.38
C HIS A 109 0.67 8.92 -6.41
N ASP A 110 1.52 9.89 -6.76
CA ASP A 110 1.14 10.80 -7.83
C ASP A 110 1.44 10.15 -9.19
N SER A 111 0.98 10.79 -10.25
CA SER A 111 1.09 10.19 -11.57
C SER A 111 2.45 10.39 -12.18
N ASP A 112 3.44 10.80 -11.37
CA ASP A 112 4.81 10.93 -11.81
C ASP A 112 5.66 10.07 -10.88
N VAL A 113 6.55 10.66 -10.09
CA VAL A 113 7.57 9.91 -9.37
C VAL A 113 7.53 10.18 -7.87
N THR A 114 6.42 10.65 -7.31
CA THR A 114 6.42 11.02 -5.89
C THR A 114 5.32 10.31 -5.13
N PRO A 115 5.63 9.54 -4.08
CA PRO A 115 4.58 9.00 -3.22
C PRO A 115 4.06 10.10 -2.30
N VAL A 116 2.77 10.36 -2.40
CA VAL A 116 2.13 11.29 -1.48
C VAL A 116 2.17 10.72 -0.08
N LEU A 117 1.68 9.49 0.05
CA LEU A 117 1.63 8.78 1.32
C LEU A 117 2.18 7.38 1.13
N ARG A 118 3.03 6.96 2.06
CA ARG A 118 3.32 5.54 2.24
C ARG A 118 2.91 5.14 3.65
N ILE A 119 2.20 4.02 3.75
CA ILE A 119 2.03 3.36 5.03
C ILE A 119 2.98 2.17 5.00
N SER A 120 3.86 2.09 5.98
CA SER A 120 4.90 1.07 5.96
C SER A 120 5.11 0.49 7.35
N TRP A 121 5.52 -0.77 7.38
CA TRP A 121 6.13 -1.35 8.55
C TRP A 121 7.61 -0.98 8.58
N VAL A 122 8.11 -0.59 9.75
CA VAL A 122 9.53 -0.30 9.92
C VAL A 122 10.08 -1.02 11.14
N SER A 123 11.27 -1.61 10.99
N SER A 123 11.31 -1.52 11.01
CA SER A 123 11.95 -2.19 12.13
CA SER A 123 12.01 -2.06 12.16
C SER A 123 12.31 -1.13 13.16
C SER A 123 12.31 -0.97 13.19
N SER A 124 12.40 0.13 12.73
N SER A 124 12.81 0.18 12.73
CA SER A 124 12.68 1.22 13.66
CA SER A 124 13.14 1.28 13.64
C SER A 124 12.48 2.53 12.91
C SER A 124 12.96 2.60 12.91
N ILE A 125 12.54 3.61 13.66
CA ILE A 125 12.35 4.95 13.10
C ILE A 125 12.60 5.93 14.23
N THR A 126 13.25 7.05 13.89
CA THR A 126 13.48 8.14 14.84
C THR A 126 12.78 9.37 14.28
N ILE A 127 11.83 9.90 15.04
CA ILE A 127 11.05 11.07 14.63
C ILE A 127 11.20 12.11 15.72
N ASP A 128 11.88 13.22 15.39
CA ASP A 128 12.08 14.33 16.32
C ASP A 128 12.58 13.82 17.67
N GLY A 129 13.64 13.01 17.62
CA GLY A 129 14.30 12.54 18.82
C GLY A 129 13.67 11.35 19.50
N VAL A 130 12.56 10.83 19.00
CA VAL A 130 11.89 9.68 19.59
C VAL A 130 12.11 8.49 18.65
N THR A 131 12.73 7.44 19.18
CA THR A 131 12.89 6.21 18.42
C THR A 131 11.78 5.24 18.77
N SER A 132 11.13 4.71 17.75
CA SER A 132 10.14 3.66 17.90
C SER A 132 10.63 2.42 17.18
N GLU A 133 10.28 1.27 17.73
CA GLU A 133 10.69 -0.03 17.22
C GLU A 133 9.48 -0.81 16.78
N ASP A 134 9.55 -1.41 15.59
CA ASP A 134 8.55 -2.39 15.16
C ASP A 134 7.17 -1.76 15.16
N VAL A 135 7.00 -0.74 14.31
CA VAL A 135 5.75 0.00 14.23
C VAL A 135 5.32 0.12 12.78
N VAL A 136 4.06 0.51 12.61
CA VAL A 136 3.52 0.90 11.30
C VAL A 136 3.49 2.42 11.26
N LEU A 137 3.97 2.97 10.15
CA LEU A 137 4.30 4.37 10.01
C LEU A 137 3.56 4.96 8.81
N ALA A 138 3.17 6.22 8.91
CA ALA A 138 2.70 7.00 7.77
C ALA A 138 3.78 8.01 7.40
N THR A 139 4.13 8.06 6.12
CA THR A 139 5.12 9.01 5.62
C THR A 139 4.46 9.84 4.52
N ILE A 140 4.37 11.16 4.73
CA ILE A 140 3.79 12.06 3.73
C ILE A 140 4.88 12.99 3.21
N ARG A 141 5.16 12.91 1.91
CA ARG A 141 6.21 13.74 1.34
C ARG A 141 5.83 15.22 1.36
N ASN A 142 6.80 16.05 1.66
CA ASN A 142 6.54 17.47 1.86
C ASN A 142 6.38 18.23 0.56
N GLY A 143 6.78 17.63 -0.55
CA GLY A 143 6.61 18.26 -1.86
C GLY A 143 7.27 17.40 -2.91
N ILE A 144 6.99 17.75 -4.17
CA ILE A 144 7.66 17.07 -5.27
C ILE A 144 9.13 17.42 -5.29
N ASP A 145 9.47 18.67 -5.00
CA ASP A 145 10.86 19.13 -5.03
C ASP A 145 11.51 19.10 -3.65
N ASP A 146 10.84 18.53 -2.66
CA ASP A 146 11.36 18.37 -1.33
C ASP A 146 11.39 16.87 -1.05
N SER A 147 12.59 16.30 -0.94
CA SER A 147 12.72 14.87 -0.70
C SER A 147 12.34 14.48 0.74
N THR A 148 12.24 15.45 1.65
CA THR A 148 11.87 15.12 3.02
C THR A 148 10.37 14.87 3.15
N ALA A 149 10.00 14.33 4.31
CA ALA A 149 8.64 13.87 4.57
C ALA A 149 8.31 14.05 6.03
N THR A 150 7.01 14.17 6.31
CA THR A 150 6.48 14.18 7.66
C THR A 150 6.08 12.76 8.01
N LYS A 151 6.55 12.26 9.15
CA LYS A 151 6.34 10.87 9.54
C LYS A 151 5.55 10.79 10.84
N THR A 152 4.64 9.82 10.91
CA THR A 152 3.71 9.68 12.02
C THR A 152 3.55 8.20 12.33
N VAL A 153 3.88 7.79 13.55
CA VAL A 153 3.63 6.41 13.95
C VAL A 153 2.13 6.18 14.07
N LEU A 154 1.63 5.13 13.43
CA LEU A 154 0.22 4.78 13.44
C LEU A 154 -0.16 3.67 14.41
N GLN A 155 0.74 2.74 14.70
CA GLN A 155 0.34 1.47 15.31
C GLN A 155 1.58 0.69 15.72
N ALA A 156 1.54 0.07 16.89
CA ALA A 156 2.54 -0.94 17.21
C ALA A 156 2.25 -2.18 16.37
N HIS A 157 3.30 -2.72 15.77
CA HIS A 157 3.13 -3.88 14.90
C HIS A 157 2.50 -5.04 15.66
N THR A 158 1.48 -5.63 15.04
CA THR A 158 0.93 -6.91 15.49
C THR A 158 0.79 -7.82 14.28
N THR A 159 0.85 -9.14 14.50
CA THR A 159 0.54 -10.05 13.40
C THR A 159 -0.97 -10.15 13.13
N SER A 160 -1.80 -9.62 14.02
N SER A 160 -1.80 -9.62 14.02
CA SER A 160 -3.24 -9.69 13.85
CA SER A 160 -3.24 -9.70 13.87
C SER A 160 -3.67 -8.90 12.63
C SER A 160 -3.71 -8.88 12.68
N ARG A 161 -4.76 -9.37 12.01
CA ARG A 161 -5.37 -8.66 10.90
C ARG A 161 -5.85 -7.29 11.39
N THR A 162 -5.47 -6.25 10.66
CA THR A 162 -5.69 -4.87 11.06
C THR A 162 -6.37 -4.11 9.94
N GLU A 163 -7.38 -3.34 10.29
CA GLU A 163 -8.13 -2.55 9.30
C GLU A 163 -7.44 -1.20 9.12
N PHE A 164 -7.06 -0.88 7.88
CA PHE A 164 -6.48 0.41 7.52
C PHE A 164 -7.45 1.10 6.59
N ASN A 165 -7.67 2.39 6.82
CA ASN A 165 -8.51 3.19 5.94
C ASN A 165 -7.79 4.50 5.61
N ILE A 166 -7.66 4.81 4.32
CA ILE A 166 -7.10 6.07 3.85
C ILE A 166 -8.23 6.86 3.21
N ASN A 167 -8.43 8.09 3.67
CA ASN A 167 -9.48 8.95 3.12
C ASN A 167 -8.84 10.24 2.64
N VAL A 168 -8.95 10.53 1.34
CA VAL A 168 -8.34 11.70 0.72
C VAL A 168 -9.45 12.58 0.17
N GLN A 169 -9.50 13.83 0.62
CA GLN A 169 -10.55 14.73 0.16
C GLN A 169 -10.16 16.15 0.50
N ASN A 170 -10.32 17.06 -0.47
CA ASN A 170 -10.22 18.51 -0.24
C ASN A 170 -8.88 18.96 0.36
N SER A 171 -7.80 18.46 -0.19
CA SER A 171 -6.42 18.78 0.18
C SER A 171 -6.03 18.22 1.55
N LYS A 172 -6.83 17.29 2.10
CA LYS A 172 -6.55 16.69 3.40
C LYS A 172 -6.59 15.18 3.28
N LEU A 173 -5.83 14.51 4.15
CA LEU A 173 -5.71 13.07 4.12
C LEU A 173 -5.80 12.56 5.54
N SER A 174 -6.63 11.51 5.75
CA SER A 174 -6.83 10.92 7.06
C SER A 174 -6.60 9.43 6.98
N ILE A 175 -6.10 8.86 8.08
CA ILE A 175 -5.84 7.43 8.19
C ILE A 175 -6.48 6.93 9.45
N THR A 176 -7.25 5.83 9.35
CA THR A 176 -7.78 5.18 10.51
C THR A 176 -7.23 3.76 10.57
N VAL A 177 -7.01 3.30 11.79
CA VAL A 177 -6.46 1.98 12.06
C VAL A 177 -7.39 1.31 13.06
N ASP A 178 -7.98 0.18 12.68
CA ASP A 178 -9.02 -0.47 13.48
C ASP A 178 -10.08 0.53 13.96
N GLY A 179 -10.47 1.45 13.07
CA GLY A 179 -11.53 2.37 13.38
C GLY A 179 -11.11 3.63 14.10
N THR A 180 -9.86 3.72 14.57
CA THR A 180 -9.38 4.85 15.35
C THR A 180 -8.57 5.77 14.43
N THR A 181 -8.88 7.06 14.45
CA THR A 181 -8.12 8.00 13.62
C THR A 181 -6.71 8.15 14.17
N GLU A 182 -5.71 7.81 13.36
CA GLU A 182 -4.32 7.92 13.74
C GLU A 182 -3.58 9.00 12.98
N LEU A 183 -4.14 9.49 11.88
CA LEU A 183 -3.68 10.71 11.25
C LEU A 183 -4.92 11.50 10.81
N ASP A 184 -5.07 12.70 11.35
CA ASP A 184 -6.32 13.46 11.24
C ASP A 184 -6.12 14.65 10.30
N GLU A 185 -6.62 14.51 9.08
CA GLU A 185 -6.65 15.63 8.12
C GLU A 185 -5.27 16.27 7.95
N ALA A 186 -4.29 15.43 7.64
CA ALA A 186 -2.98 15.93 7.27
C ALA A 186 -3.10 16.71 5.97
N ASP A 187 -2.36 17.81 5.88
CA ASP A 187 -2.43 18.61 4.67
C ASP A 187 -1.62 17.95 3.56
N ILE A 188 -2.17 17.96 2.33
CA ILE A 188 -1.46 17.45 1.17
C ILE A 188 -1.61 18.45 0.03
N SER A 189 -1.82 19.73 0.39
CA SER A 189 -1.94 20.79 -0.62
C SER A 189 -0.69 20.89 -1.47
N GLN A 190 0.44 20.36 -1.00
CA GLN A 190 1.64 20.40 -1.83
C GLN A 190 1.49 19.56 -3.10
N PHE A 191 0.43 18.77 -3.21
CA PHE A 191 0.12 18.04 -4.43
C PHE A 191 -1.06 18.65 -5.20
N ASP A 192 -1.38 19.94 -4.96
CA ASP A 192 -2.28 20.66 -5.85
C ASP A 192 -1.77 20.59 -7.29
N GLY A 193 -2.67 20.33 -8.24
CA GLY A 193 -2.22 20.21 -9.60
C GLY A 193 -1.64 18.86 -9.98
N SER A 194 -1.50 17.92 -9.05
CA SER A 194 -1.11 16.55 -9.35
C SER A 194 -2.33 15.65 -9.46
N THR A 195 -2.15 14.52 -10.13
CA THR A 195 -3.13 13.43 -10.06
C THR A 195 -2.54 12.26 -9.30
N CYS A 196 -3.42 11.43 -8.77
CA CYS A 196 -3.07 10.45 -7.75
C CYS A 196 -3.76 9.12 -8.00
N TYR A 197 -3.23 8.09 -7.33
CA TYR A 197 -3.86 6.78 -7.32
C TYR A 197 -3.37 6.01 -6.10
N PHE A 198 -4.09 4.95 -5.78
CA PHE A 198 -3.72 4.09 -4.68
C PHE A 198 -2.88 2.91 -5.16
N LYS A 199 -2.04 2.42 -4.25
CA LYS A 199 -1.33 1.15 -4.44
C LYS A 199 -1.40 0.33 -3.16
N ALA A 200 -1.29 -0.99 -3.32
CA ALA A 200 -1.30 -1.91 -2.19
C ALA A 200 -0.44 -3.12 -2.49
N GLY A 201 0.33 -3.58 -1.52
CA GLY A 201 1.06 -4.82 -1.67
C GLY A 201 2.24 -4.88 -0.74
N ALA A 202 3.39 -5.29 -1.27
CA ALA A 202 4.64 -5.30 -0.53
C ALA A 202 5.70 -4.60 -1.36
N TYR A 203 6.27 -3.52 -0.81
CA TYR A 203 7.34 -2.76 -1.45
C TYR A 203 8.49 -2.69 -0.45
N ASN A 204 9.59 -3.35 -0.79
CA ASN A 204 10.70 -3.62 0.12
C ASN A 204 11.70 -2.46 0.07
N ASN A 205 11.77 -1.68 1.15
CA ASN A 205 12.59 -0.47 1.22
C ASN A 205 13.85 -0.69 2.04
N ASN A 206 15.01 -0.45 1.44
CA ASN A 206 16.30 -0.47 2.10
C ASN A 206 16.54 -1.74 2.95
N PRO A 207 16.39 -2.91 2.36
CA PRO A 207 16.78 -4.12 3.09
C PRO A 207 18.28 -4.15 3.30
N THR A 208 18.68 -4.80 4.40
CA THR A 208 20.09 -5.07 4.62
C THR A 208 20.51 -6.46 4.13
N ASP A 209 19.55 -7.32 3.83
CA ASP A 209 19.80 -8.60 3.16
C ASP A 209 18.98 -8.56 1.87
N THR A 210 19.66 -8.37 0.74
CA THR A 210 18.93 -8.22 -0.52
C THR A 210 18.29 -9.52 -0.98
N SER A 211 18.58 -10.64 -0.34
CA SER A 211 17.98 -11.91 -0.71
C SER A 211 16.78 -12.28 0.17
N ALA A 212 16.54 -11.55 1.26
CA ALA A 212 15.41 -11.88 2.12
C ALA A 212 14.09 -11.45 1.48
N ASN A 213 13.01 -12.17 1.82
CA ASN A 213 11.70 -11.90 1.27
C ASN A 213 10.86 -11.08 2.26
N ALA A 214 10.38 -9.93 1.79
CA ALA A 214 9.29 -9.24 2.45
C ALA A 214 7.99 -9.94 2.11
N ARG A 215 7.02 -9.89 3.03
CA ARG A 215 5.79 -10.65 2.88
C ARG A 215 4.66 -9.95 3.62
N ILE A 216 3.57 -9.69 2.89
CA ILE A 216 2.43 -8.95 3.39
C ILE A 216 1.15 -9.65 2.93
N LYS A 217 0.15 -9.73 3.81
CA LYS A 217 -1.08 -10.47 3.56
C LYS A 217 -2.30 -9.57 3.71
N MET A 218 -3.20 -9.64 2.72
N MET A 218 -3.20 -9.63 2.73
CA MET A 218 -4.42 -8.85 2.66
CA MET A 218 -4.41 -8.81 2.73
C MET A 218 -5.63 -9.76 2.71
C MET A 218 -5.64 -9.68 2.69
N TYR A 219 -6.50 -9.52 3.71
CA TYR A 219 -7.72 -10.30 3.80
C TYR A 219 -8.86 -9.65 3.04
N GLU A 220 -8.81 -8.33 2.93
CA GLU A 220 -9.78 -7.52 2.20
C GLU A 220 -9.01 -6.34 1.63
N LEU A 221 -9.46 -5.88 0.47
CA LEU A 221 -8.89 -4.68 -0.15
C LEU A 221 -9.92 -4.07 -1.08
N GLU A 222 -10.09 -2.75 -1.01
CA GLU A 222 -10.99 -2.07 -1.94
C GLU A 222 -10.57 -0.63 -2.06
N TRP A 223 -10.86 -0.04 -3.22
CA TRP A 223 -10.71 1.40 -3.36
C TRP A 223 -11.91 1.94 -4.10
N VAL A 224 -12.39 3.11 -3.66
N VAL A 224 -12.38 3.11 -3.66
CA VAL A 224 -13.67 3.66 -4.05
CA VAL A 224 -13.69 3.65 -4.04
C VAL A 224 -13.51 5.15 -4.34
C VAL A 224 -13.56 5.16 -4.25
N ASP A 225 -14.50 5.71 -5.03
CA ASP A 225 -14.73 7.16 -5.20
C ASP A 225 -16.12 7.51 -4.66
N HIS A 226 -16.42 8.80 -4.50
CA HIS A 226 -17.75 9.20 -4.07
C HIS A 226 -18.18 10.49 -4.75
N HIS A 227 -19.44 10.85 -4.52
CA HIS A 227 -20.04 12.08 -5.02
C HIS A 227 -19.89 12.24 -6.54
#